data_3C1Q
#
_entry.id   3C1Q
#
_cell.length_a   46.988
_cell.length_b   52.122
_cell.length_c   89.470
_cell.angle_alpha   90.00
_cell.angle_beta   90.00
_cell.angle_gamma   90.00
#
_symmetry.space_group_name_H-M   'P 21 21 21'
#
loop_
_entity.id
_entity.type
_entity.pdbx_description
1 polymer 'General secretion pathway protein F'
2 non-polymer 'CALCIUM ION'
3 non-polymer 'CHLORIDE ION'
4 non-polymer 'SODIUM ION'
5 non-polymer 3,6,9,12,15,18,21,24-OCTAOXAHEXACOSAN-1-OL
6 water water
#
_entity_poly.entity_id   1
_entity_poly.type   'polypeptide(L)'
_entity_poly.pdbx_seq_one_letter_code
;MGFAFKRGISTPDLALITRQLATLVQSG(MSE)PLEECLRAVAEQSEKPRIRT(MSE)LVAVRAKVTEGYTLSDSLGDYP
HVFDELFRS(MSE)VAAGEKSGHLDSVLERLADYAENRQK(MSE)RSKLQQASENLYFQ
;
_entity_poly.pdbx_strand_id   A,B
#
loop_
_chem_comp.id
_chem_comp.type
_chem_comp.name
_chem_comp.formula
CA non-polymer 'CALCIUM ION' 'Ca 2'
CL non-polymer 'CHLORIDE ION' 'Cl -1'
NA non-polymer 'SODIUM ION' 'Na 1'
PE5 non-polymer 3,6,9,12,15,18,21,24-OCTAOXAHEXACOSAN-1-OL 'C18 H38 O9'
#
# COMPACT_ATOMS: atom_id res chain seq x y z
N PHE A 3 32.83 0.63 -16.73
CA PHE A 3 32.01 1.34 -15.72
C PHE A 3 30.52 1.03 -15.92
N ALA A 4 29.82 0.81 -14.82
CA ALA A 4 28.36 0.59 -14.86
C ALA A 4 27.66 1.63 -13.99
N PHE A 5 26.41 1.94 -14.31
CA PHE A 5 25.64 2.92 -13.54
C PHE A 5 24.14 2.72 -13.70
N LYS A 6 23.47 2.52 -12.57
CA LYS A 6 22.03 2.38 -12.51
C LYS A 6 21.51 3.28 -11.40
N ARG A 7 20.30 3.79 -11.59
CA ARG A 7 19.63 4.65 -10.61
C ARG A 7 18.60 3.85 -9.82
N GLY A 8 18.10 4.42 -8.73
CA GLY A 8 17.04 3.80 -7.96
C GLY A 8 15.70 4.03 -8.60
N ILE A 9 14.65 3.99 -7.79
CA ILE A 9 13.29 4.27 -8.23
C ILE A 9 12.81 5.53 -7.51
N SER A 10 11.73 6.13 -7.98
CA SER A 10 11.23 7.37 -7.38
C SER A 10 10.75 7.15 -5.95
N THR A 11 10.69 8.22 -5.16
CA THR A 11 10.24 8.08 -3.80
C THR A 11 8.78 7.59 -3.73
N PRO A 12 7.87 8.09 -4.62
CA PRO A 12 6.53 7.48 -4.57
C PRO A 12 6.50 5.99 -4.98
N ASP A 13 7.33 5.61 -5.94
CA ASP A 13 7.36 4.24 -6.38
C ASP A 13 7.81 3.31 -5.27
N LEU A 14 8.83 3.71 -4.50
CA LEU A 14 9.26 2.92 -3.33
C LEU A 14 8.18 2.88 -2.25
N ALA A 15 7.53 4.00 -2.00
CA ALA A 15 6.45 4.02 -1.01
C ALA A 15 5.33 3.04 -1.35
N LEU A 16 4.93 2.99 -2.62
CA LEU A 16 3.81 2.15 -3.00
C LEU A 16 4.19 0.67 -2.83
N ILE A 17 5.33 0.26 -3.40
CA ILE A 17 5.66 -1.18 -3.31
C ILE A 17 5.97 -1.66 -1.87
N THR A 18 6.57 -0.79 -1.05
CA THR A 18 6.88 -1.14 0.34
C THR A 18 5.58 -1.26 1.15
N ARG A 19 4.65 -0.35 0.92
CA ARG A 19 3.34 -0.45 1.56
C ARG A 19 2.60 -1.73 1.12
N GLN A 20 2.59 -2.01 -0.18
CA GLN A 20 1.93 -3.20 -0.65
C GLN A 20 2.55 -4.46 -0.08
N LEU A 21 3.88 -4.54 -0.11
CA LEU A 21 4.54 -5.72 0.42
C LEU A 21 4.31 -5.89 1.92
N ALA A 22 4.37 -4.79 2.68
CA ALA A 22 4.11 -4.86 4.12
C ALA A 22 2.70 -5.37 4.38
N THR A 23 1.74 -4.85 3.61
CA THR A 23 0.33 -5.18 3.81
C THR A 23 0.09 -6.66 3.54
N LEU A 24 0.68 -7.16 2.46
CA LEU A 24 0.49 -8.54 2.05
C LEU A 24 1.19 -9.51 3.02
N VAL A 25 2.44 -9.19 3.39
CA VAL A 25 3.17 -10.01 4.34
C VAL A 25 2.46 -10.09 5.68
N GLN A 26 1.98 -8.95 6.16
CA GLN A 26 1.31 -8.92 7.45
C GLN A 26 -0.01 -9.69 7.45
N SER A 27 -0.63 -9.82 6.28
CA SER A 27 -1.88 -10.59 6.13
C SER A 27 -1.65 -12.10 6.24
N GLY A 28 -0.40 -12.53 6.20
CA GLY A 28 -0.06 -13.94 6.43
C GLY A 28 0.09 -14.78 5.17
N MSE A 29 0.34 -14.12 4.04
CA MSE A 29 0.50 -14.76 2.73
CA MSE A 29 0.50 -14.82 2.76
C MSE A 29 1.98 -15.11 2.54
O MSE A 29 2.84 -14.40 3.05
CB MSE A 29 0.02 -13.77 1.65
CB MSE A 29 -0.02 -13.98 1.61
CG MSE A 29 0.17 -14.17 0.20
CG MSE A 29 -1.29 -13.22 1.93
SE MSE A 29 -0.67 -12.84 -1.00
SE MSE A 29 -1.97 -12.30 0.37
CE MSE A 29 -2.51 -13.18 -0.40
CE MSE A 29 -2.64 -13.89 -0.54
N PRO A 30 2.28 -16.20 1.80
CA PRO A 30 3.69 -16.51 1.60
C PRO A 30 4.46 -15.37 0.91
N LEU A 31 5.67 -15.16 1.36
CA LEU A 31 6.52 -14.06 0.84
C LEU A 31 6.56 -14.05 -0.68
N GLU A 32 6.74 -15.22 -1.28
CA GLU A 32 6.81 -15.29 -2.75
C GLU A 32 5.50 -14.86 -3.40
N GLU A 33 4.39 -15.22 -2.76
CA GLU A 33 3.08 -14.86 -3.31
C GLU A 33 2.84 -13.35 -3.15
N CYS A 34 3.32 -12.80 -2.03
CA CYS A 34 3.26 -11.35 -1.79
C CYS A 34 4.01 -10.59 -2.88
N LEU A 35 5.24 -11.00 -3.14
CA LEU A 35 6.04 -10.40 -4.24
C LEU A 35 5.36 -10.57 -5.61
N ARG A 36 4.76 -11.72 -5.90
CA ARG A 36 4.02 -11.91 -7.14
C ARG A 36 2.92 -10.87 -7.29
N ALA A 37 2.16 -10.66 -6.22
CA ALA A 37 1.02 -9.71 -6.26
C ALA A 37 1.48 -8.28 -6.46
N VAL A 38 2.52 -7.86 -5.75
CA VAL A 38 3.03 -6.49 -5.91
C VAL A 38 3.48 -6.28 -7.36
N ALA A 39 4.20 -7.25 -7.93
CA ALA A 39 4.65 -7.16 -9.34
C ALA A 39 3.44 -7.08 -10.27
N GLU A 40 2.49 -8.00 -10.09
CA GLU A 40 1.39 -8.11 -11.03
C GLU A 40 0.44 -6.91 -10.97
N GLN A 41 0.47 -6.19 -9.85
CA GLN A 41 -0.36 -5.00 -9.67
C GLN A 41 0.37 -3.69 -10.01
N SER A 42 1.61 -3.79 -10.47
CA SER A 42 2.40 -2.61 -10.76
C SER A 42 2.10 -2.01 -12.12
N GLU A 43 1.99 -0.69 -12.15
CA GLU A 43 1.87 0.09 -13.38
C GLU A 43 3.21 0.48 -13.99
N LYS A 44 4.30 0.12 -13.33
CA LYS A 44 5.65 0.53 -13.72
C LYS A 44 6.43 -0.68 -14.21
N PRO A 45 6.57 -0.84 -15.55
CA PRO A 45 7.27 -2.01 -16.06
C PRO A 45 8.61 -2.37 -15.40
N ARG A 46 9.44 -1.35 -15.12
CA ARG A 46 10.76 -1.62 -14.51
C ARG A 46 10.60 -2.22 -13.11
N ILE A 47 9.62 -1.71 -12.38
CA ILE A 47 9.36 -2.14 -11.03
C ILE A 47 8.82 -3.57 -11.06
N ARG A 48 7.92 -3.83 -12.00
CA ARG A 48 7.40 -5.17 -12.20
C ARG A 48 8.53 -6.18 -12.46
N THR A 49 9.40 -5.85 -13.41
CA THR A 49 10.55 -6.68 -13.72
C THR A 49 11.46 -6.93 -12.50
N MSE A 50 11.76 -5.87 -11.77
CA MSE A 50 12.56 -5.94 -10.55
C MSE A 50 11.95 -6.88 -9.52
O MSE A 50 12.63 -7.74 -8.95
CB MSE A 50 12.67 -4.54 -9.97
CG MSE A 50 13.47 -4.44 -8.72
SE MSE A 50 13.53 -2.59 -8.22
CE MSE A 50 13.98 -1.77 -9.95
N LEU A 51 10.67 -6.72 -9.29
CA LEU A 51 9.99 -7.58 -8.31
C LEU A 51 9.86 -9.04 -8.75
N VAL A 52 9.74 -9.30 -10.05
CA VAL A 52 9.79 -10.67 -10.57
C VAL A 52 11.18 -11.29 -10.24
N ALA A 53 12.24 -10.50 -10.42
CA ALA A 53 13.62 -10.94 -10.15
C ALA A 53 13.85 -11.13 -8.64
N VAL A 54 13.37 -10.20 -7.82
CA VAL A 54 13.46 -10.40 -6.35
C VAL A 54 12.76 -11.71 -5.95
N ARG A 55 11.55 -11.92 -6.48
CA ARG A 55 10.79 -13.14 -6.21
C ARG A 55 11.54 -14.39 -6.69
N ALA A 56 12.18 -14.32 -7.85
CA ALA A 56 12.93 -15.44 -8.42
C ALA A 56 13.99 -15.91 -7.42
N LYS A 57 14.66 -14.97 -6.77
CA LYS A 57 15.63 -15.34 -5.72
C LYS A 57 14.97 -15.92 -4.47
N VAL A 58 13.84 -15.36 -4.07
CA VAL A 58 13.09 -15.87 -2.92
C VAL A 58 12.69 -17.32 -3.18
N THR A 59 12.25 -17.64 -4.39
CA THR A 59 11.86 -19.02 -4.67
C THR A 59 13.03 -20.00 -4.75
N GLU A 60 14.26 -19.50 -4.91
CA GLU A 60 15.48 -20.33 -4.79
C GLU A 60 15.86 -20.53 -3.32
N GLY A 61 15.15 -19.83 -2.43
CA GLY A 61 15.23 -20.03 -1.00
C GLY A 61 15.91 -18.91 -0.23
N TYR A 62 16.39 -17.90 -0.93
CA TYR A 62 17.08 -16.80 -0.27
C TYR A 62 16.13 -15.91 0.52
N THR A 63 16.67 -15.25 1.54
CA THR A 63 15.91 -14.28 2.31
C THR A 63 15.50 -13.10 1.43
N LEU A 64 14.45 -12.41 1.83
CA LEU A 64 14.07 -11.17 1.19
C LEU A 64 15.25 -10.19 1.15
N SER A 65 15.94 -10.02 2.28
CA SER A 65 17.08 -9.10 2.31
CA SER A 65 17.12 -9.12 2.35
C SER A 65 18.14 -9.44 1.28
N ASP A 66 18.50 -10.73 1.18
CA ASP A 66 19.49 -11.18 0.21
C ASP A 66 18.99 -10.94 -1.20
N SER A 67 17.71 -11.23 -1.43
CA SER A 67 17.07 -11.03 -2.73
C SER A 67 17.03 -9.58 -3.18
N LEU A 68 16.70 -8.69 -2.25
CA LEU A 68 16.73 -7.24 -2.52
C LEU A 68 18.13 -6.77 -2.86
N GLY A 69 19.13 -7.49 -2.33
CA GLY A 69 20.55 -7.36 -2.64
C GLY A 69 20.94 -7.34 -4.12
N ASP A 70 20.09 -7.92 -4.95
CA ASP A 70 20.32 -7.84 -6.40
C ASP A 70 20.03 -6.47 -7.00
N TYR A 71 19.42 -5.57 -6.21
CA TYR A 71 19.11 -4.20 -6.61
C TYR A 71 19.59 -3.20 -5.56
N PRO A 72 20.92 -3.15 -5.33
CA PRO A 72 21.46 -2.27 -4.27
C PRO A 72 21.33 -0.81 -4.61
N HIS A 73 21.15 -0.52 -5.89
CA HIS A 73 20.93 0.84 -6.37
C HIS A 73 19.50 1.28 -6.08
N VAL A 74 18.62 0.36 -5.68
CA VAL A 74 17.22 0.68 -5.39
C VAL A 74 16.92 0.57 -3.89
N PHE A 75 17.39 -0.51 -3.30
CA PHE A 75 17.24 -0.76 -1.86
C PHE A 75 18.60 -0.64 -1.23
N ASP A 76 18.80 0.42 -0.46
CA ASP A 76 20.11 0.71 0.08
C ASP A 76 20.46 -0.22 1.23
N GLU A 77 21.70 -0.13 1.68
CA GLU A 77 22.21 -0.98 2.74
C GLU A 77 21.35 -0.90 4.00
N LEU A 78 20.88 0.29 4.33
CA LEU A 78 20.06 0.49 5.52
C LEU A 78 18.70 -0.23 5.39
N PHE A 79 18.07 -0.05 4.24
CA PHE A 79 16.79 -0.74 3.93
C PHE A 79 16.98 -2.25 4.05
N ARG A 80 18.02 -2.77 3.40
CA ARG A 80 18.28 -4.20 3.40
C ARG A 80 18.69 -4.73 4.78
N SER A 81 19.41 -3.92 5.55
CA SER A 81 19.70 -4.21 6.95
C SER A 81 18.46 -4.32 7.83
N MSE A 82 17.51 -3.41 7.65
CA MSE A 82 16.24 -3.44 8.39
C MSE A 82 15.47 -4.70 8.07
O MSE A 82 14.97 -5.37 8.96
CB MSE A 82 15.41 -2.19 8.07
CG MSE A 82 14.17 -2.02 8.94
SE MSE A 82 14.51 -1.85 10.83
CE MSE A 82 12.76 -1.33 11.49
N VAL A 83 15.39 -5.04 6.79
CA VAL A 83 14.72 -6.28 6.40
C VAL A 83 15.41 -7.51 7.03
N ALA A 84 16.73 -7.58 6.89
CA ALA A 84 17.51 -8.63 7.53
C ALA A 84 17.31 -8.74 9.05
N ALA A 85 17.29 -7.60 9.74
CA ALA A 85 16.99 -7.59 11.17
C ALA A 85 15.64 -8.25 11.50
N GLY A 86 14.60 -7.89 10.75
CA GLY A 86 13.28 -8.51 10.85
C GLY A 86 13.37 -10.01 10.60
N GLU A 87 14.01 -10.41 9.51
CA GLU A 87 14.09 -11.83 9.18
C GLU A 87 14.81 -12.63 10.27
N LYS A 88 15.93 -12.10 10.78
CA LYS A 88 16.73 -12.78 11.79
C LYS A 88 16.03 -12.91 13.15
N SER A 89 15.16 -11.96 13.47
CA SER A 89 14.50 -11.90 14.77
C SER A 89 13.05 -12.43 14.75
N GLY A 90 12.57 -12.84 13.58
CA GLY A 90 11.19 -13.29 13.43
C GLY A 90 10.16 -12.15 13.38
N HIS A 91 10.61 -10.96 12.98
CA HIS A 91 9.74 -9.78 12.92
C HIS A 91 9.72 -9.17 11.52
N LEU A 92 9.76 -9.99 10.48
CA LEU A 92 9.70 -9.42 9.13
C LEU A 92 8.45 -8.55 8.96
N ASP A 93 7.33 -9.00 9.53
CA ASP A 93 6.09 -8.26 9.34
CA ASP A 93 6.05 -8.28 9.47
C ASP A 93 6.18 -6.84 9.92
N SER A 94 6.67 -6.68 11.14
CA SER A 94 6.69 -5.37 11.76
C SER A 94 7.81 -4.46 11.22
N VAL A 95 8.92 -5.02 10.78
CA VAL A 95 9.93 -4.19 10.10
C VAL A 95 9.45 -3.73 8.72
N LEU A 96 8.71 -4.59 8.00
CA LEU A 96 8.13 -4.13 6.71
C LEU A 96 7.15 -2.96 6.94
N GLU A 97 6.34 -3.06 7.99
CA GLU A 97 5.48 -1.93 8.38
C GLU A 97 6.27 -0.66 8.61
N ARG A 98 7.35 -0.79 9.38
CA ARG A 98 8.22 0.32 9.65
C ARG A 98 8.81 0.90 8.36
N LEU A 99 9.29 0.01 7.48
CA LEU A 99 9.84 0.44 6.18
C LEU A 99 8.79 1.14 5.30
N ALA A 100 7.54 0.69 5.38
CA ALA A 100 6.43 1.32 4.64
C ALA A 100 6.15 2.73 5.16
N ASP A 101 6.06 2.84 6.49
CA ASP A 101 5.88 4.14 7.12
C ASP A 101 7.04 5.08 6.73
N TYR A 102 8.26 4.54 6.76
CA TYR A 102 9.48 5.29 6.42
C TYR A 102 9.43 5.78 4.98
N ALA A 103 9.12 4.87 4.05
CA ALA A 103 9.05 5.21 2.62
C ALA A 103 7.98 6.28 2.33
N GLU A 104 6.86 6.19 3.02
CA GLU A 104 5.77 7.16 2.82
C GLU A 104 6.17 8.54 3.38
N ASN A 105 6.81 8.54 4.54
CA ASN A 105 7.34 9.78 5.11
C ASN A 105 8.42 10.40 4.22
N ARG A 106 9.28 9.57 3.63
CA ARG A 106 10.30 10.02 2.69
C ARG A 106 9.68 10.69 1.45
N GLN A 107 8.67 10.04 0.87
CA GLN A 107 7.92 10.60 -0.27
C GLN A 107 7.34 12.00 0.06
N LYS A 108 6.70 12.08 1.21
CA LYS A 108 6.08 13.34 1.67
C LYS A 108 7.08 14.47 1.91
N MSE A 109 8.19 14.16 2.58
CA MSE A 109 9.15 15.18 2.90
CA MSE A 109 9.17 15.18 2.92
C MSE A 109 9.93 15.62 1.66
O MSE A 109 10.28 16.79 1.52
CB MSE A 109 10.07 14.71 4.02
CB MSE A 109 10.10 14.66 4.04
CG MSE A 109 9.32 14.51 5.33
CG MSE A 109 10.99 15.70 4.78
SE MSE A 109 8.33 16.08 5.92
SE MSE A 109 10.34 17.52 5.23
CE MSE A 109 6.61 15.74 5.11
CE MSE A 109 11.12 18.34 3.67
N ARG A 110 10.18 14.69 0.74
CA ARG A 110 10.80 15.05 -0.53
C ARG A 110 9.92 16.05 -1.30
N SER A 111 8.61 15.77 -1.32
CA SER A 111 7.64 16.63 -1.98
C SER A 111 7.55 18.01 -1.28
N LYS A 112 7.51 18.01 0.05
CA LYS A 112 7.45 19.26 0.82
C LYS A 112 8.64 20.17 0.52
N LEU A 113 9.84 19.57 0.42
CA LEU A 113 11.04 20.33 0.11
C LEU A 113 10.92 21.06 -1.22
N GLN A 114 10.50 20.33 -2.24
CA GLN A 114 10.60 20.75 -3.63
C GLN A 114 9.40 21.55 -4.15
N GLN A 115 8.25 21.42 -3.49
CA GLN A 115 7.05 22.05 -4.01
C GLN A 115 7.20 23.58 -4.10
N ALA A 116 6.75 24.14 -5.23
CA ALA A 116 6.85 25.57 -5.53
C ALA A 116 8.24 26.04 -5.98
N SER A 117 9.23 25.14 -6.04
CA SER A 117 10.58 25.53 -6.48
C SER A 117 10.57 25.85 -7.98
N GLY B 8 -14.91 12.98 8.98
CA GLY B 8 -14.45 11.67 8.45
C GLY B 8 -12.97 11.41 8.70
N ILE B 9 -12.27 10.93 7.68
CA ILE B 9 -10.84 10.64 7.77
C ILE B 9 -10.06 11.46 6.75
N SER B 10 -8.74 11.47 6.87
CA SER B 10 -7.92 12.31 6.03
C SER B 10 -7.79 11.72 4.63
N THR B 11 -7.40 12.56 3.68
CA THR B 11 -7.15 12.14 2.31
C THR B 11 -6.07 11.06 2.27
N PRO B 12 -4.94 11.26 2.99
CA PRO B 12 -3.97 10.15 3.04
C PRO B 12 -4.51 8.86 3.63
N ASP B 13 -5.36 8.95 4.66
CA ASP B 13 -5.82 7.72 5.29
C ASP B 13 -6.84 7.00 4.42
N LEU B 14 -7.67 7.73 3.68
CA LEU B 14 -8.55 7.04 2.71
C LEU B 14 -7.73 6.34 1.63
N ALA B 15 -6.69 7.02 1.13
CA ALA B 15 -5.80 6.45 0.12
C ALA B 15 -5.12 5.17 0.62
N LEU B 16 -4.69 5.19 1.87
CA LEU B 16 -4.00 4.07 2.46
C LEU B 16 -4.94 2.86 2.51
N ILE B 17 -6.09 3.01 3.17
CA ILE B 17 -6.96 1.83 3.33
C ILE B 17 -7.48 1.35 1.98
N THR B 18 -7.70 2.25 1.03
CA THR B 18 -8.24 1.83 -0.27
C THR B 18 -7.18 1.03 -1.06
N ARG B 19 -5.94 1.51 -1.01
CA ARG B 19 -4.81 0.79 -1.63
C ARG B 19 -4.59 -0.57 -0.99
N GLN B 20 -4.61 -0.62 0.34
CA GLN B 20 -4.43 -1.88 1.05
C GLN B 20 -5.54 -2.87 0.71
N LEU B 21 -6.79 -2.40 0.73
CA LEU B 21 -7.91 -3.31 0.43
C LEU B 21 -7.80 -3.79 -1.03
N ALA B 22 -7.47 -2.89 -1.95
CA ALA B 22 -7.32 -3.27 -3.35
C ALA B 22 -6.22 -4.31 -3.55
N THR B 23 -5.10 -4.13 -2.86
CA THR B 23 -3.95 -4.99 -2.98
C THR B 23 -4.26 -6.40 -2.50
N LEU B 24 -4.94 -6.48 -1.37
CA LEU B 24 -5.30 -7.77 -0.81
C LEU B 24 -6.37 -8.48 -1.65
N VAL B 25 -7.41 -7.77 -2.03
CA VAL B 25 -8.48 -8.37 -2.82
C VAL B 25 -7.95 -8.92 -4.16
N GLN B 26 -7.07 -8.17 -4.80
CA GLN B 26 -6.51 -8.60 -6.10
C GLN B 26 -5.60 -9.80 -6.00
N SER B 27 -5.10 -10.08 -4.80
CA SER B 27 -4.30 -11.28 -4.56
C SER B 27 -5.12 -12.57 -4.47
N GLY B 28 -6.45 -12.41 -4.38
CA GLY B 28 -7.37 -13.53 -4.32
C GLY B 28 -7.85 -13.85 -2.92
N MSE B 29 -7.37 -13.10 -1.95
CA MSE B 29 -7.78 -13.34 -0.57
C MSE B 29 -9.26 -12.96 -0.40
O MSE B 29 -9.72 -11.93 -0.91
CB MSE B 29 -6.90 -12.50 0.36
CG MSE B 29 -7.28 -12.56 1.84
SE MSE B 29 -6.07 -11.49 2.94
CE MSE B 29 -4.51 -11.84 1.79
N PRO B 30 -10.03 -13.81 0.32
CA PRO B 30 -11.45 -13.51 0.59
C PRO B 30 -11.64 -12.15 1.21
N LEU B 31 -12.71 -11.45 0.84
CA LEU B 31 -12.93 -10.08 1.28
C LEU B 31 -12.89 -9.91 2.79
N GLU B 32 -13.53 -10.81 3.55
CA GLU B 32 -13.53 -10.67 5.01
C GLU B 32 -12.10 -10.72 5.56
N GLU B 33 -11.26 -11.56 4.97
CA GLU B 33 -9.88 -11.71 5.44
C GLU B 33 -9.10 -10.44 5.09
N CYS B 34 -9.35 -9.91 3.89
CA CYS B 34 -8.76 -8.63 3.50
C CYS B 34 -9.09 -7.51 4.49
N LEU B 35 -10.36 -7.39 4.83
CA LEU B 35 -10.81 -6.36 5.78
C LEU B 35 -10.19 -6.52 7.17
N ARG B 36 -10.05 -7.76 7.62
CA ARG B 36 -9.36 -8.04 8.89
C ARG B 36 -7.93 -7.50 8.87
N ALA B 37 -7.18 -7.82 7.82
CA ALA B 37 -5.81 -7.34 7.67
C ALA B 37 -5.72 -5.83 7.69
N VAL B 38 -6.56 -5.14 6.93
CA VAL B 38 -6.48 -3.67 6.88
C VAL B 38 -6.75 -3.08 8.30
N ALA B 39 -7.73 -3.65 8.99
CA ALA B 39 -8.04 -3.28 10.37
C ALA B 39 -6.85 -3.46 11.30
N GLU B 40 -6.26 -4.66 11.29
CA GLU B 40 -5.13 -5.01 12.16
C GLU B 40 -3.94 -4.11 11.94
N GLN B 41 -3.79 -3.63 10.70
CA GLN B 41 -2.65 -2.81 10.31
C GLN B 41 -2.84 -1.29 10.51
N SER B 42 -4.00 -0.88 10.99
CA SER B 42 -4.30 0.56 11.08
C SER B 42 -3.69 1.19 12.32
N GLU B 43 -3.10 2.38 12.19
CA GLU B 43 -2.57 3.16 13.30
C GLU B 43 -3.64 3.96 14.00
N LYS B 44 -4.75 4.20 13.30
CA LYS B 44 -5.80 5.12 13.72
C LYS B 44 -6.95 4.31 14.36
N PRO B 45 -7.12 4.39 15.69
CA PRO B 45 -8.21 3.63 16.32
C PRO B 45 -9.60 3.76 15.68
N ARG B 46 -9.98 4.96 15.23
CA ARG B 46 -11.30 5.18 14.64
C ARG B 46 -11.45 4.39 13.36
N ILE B 47 -10.36 4.32 12.60
CA ILE B 47 -10.35 3.63 11.32
C ILE B 47 -10.42 2.13 11.57
N ARG B 48 -9.63 1.64 12.54
CA ARG B 48 -9.68 0.24 12.94
C ARG B 48 -11.09 -0.18 13.33
N THR B 49 -11.73 0.62 14.16
CA THR B 49 -13.10 0.35 14.59
C THR B 49 -14.05 0.21 13.41
N MSE B 50 -13.94 1.16 12.48
CA MSE B 50 -14.79 1.19 11.30
C MSE B 50 -14.58 -0.07 10.48
O MSE B 50 -15.54 -0.71 10.08
CB MSE B 50 -14.47 2.40 10.45
CG MSE B 50 -15.16 2.45 9.10
SE MSE B 50 -14.71 4.12 8.20
CE MSE B 50 -12.85 3.70 7.72
N LEU B 51 -13.32 -0.43 10.24
CA LEU B 51 -13.01 -1.61 9.42
C LEU B 51 -13.43 -2.94 10.07
N VAL B 52 -13.30 -3.03 11.38
CA VAL B 52 -13.75 -4.22 12.09
C VAL B 52 -15.27 -4.34 11.96
N ALA B 53 -15.97 -3.22 12.11
CA ALA B 53 -17.42 -3.18 12.01
C ALA B 53 -17.89 -3.56 10.61
N VAL B 54 -17.24 -3.00 9.60
CA VAL B 54 -17.53 -3.34 8.21
C VAL B 54 -17.27 -4.83 7.96
N ARG B 55 -16.14 -5.34 8.46
CA ARG B 55 -15.84 -6.75 8.33
C ARG B 55 -16.91 -7.63 8.97
N ALA B 56 -17.33 -7.26 10.17
CA ALA B 56 -18.36 -8.01 10.87
C ALA B 56 -19.60 -8.10 9.98
N LYS B 57 -20.01 -6.97 9.41
CA LYS B 57 -21.21 -6.95 8.56
C LYS B 57 -21.06 -7.82 7.31
N VAL B 58 -19.88 -7.79 6.70
CA VAL B 58 -19.63 -8.60 5.51
C VAL B 58 -19.73 -10.09 5.85
N THR B 59 -19.17 -10.49 6.98
CA THR B 59 -19.26 -11.90 7.41
C THR B 59 -20.72 -12.31 7.69
N GLU B 60 -21.56 -11.34 8.05
CA GLU B 60 -22.98 -11.60 8.31
C GLU B 60 -23.84 -11.59 7.04
N GLY B 61 -23.24 -11.26 5.90
CA GLY B 61 -23.90 -11.33 4.59
C GLY B 61 -24.28 -9.99 3.96
N TYR B 62 -23.97 -8.90 4.64
CA TYR B 62 -24.12 -7.58 4.02
C TYR B 62 -23.06 -7.41 2.96
N THR B 63 -23.40 -6.73 1.87
CA THR B 63 -22.39 -6.40 0.87
C THR B 63 -21.42 -5.35 1.41
N LEU B 64 -20.26 -5.25 0.80
CA LEU B 64 -19.32 -4.22 1.15
C LEU B 64 -19.95 -2.84 0.92
N SER B 65 -20.52 -2.63 -0.25
CA SER B 65 -21.18 -1.36 -0.57
C SER B 65 -22.26 -0.97 0.44
N ASP B 66 -23.06 -1.94 0.87
CA ASP B 66 -24.14 -1.63 1.83
C ASP B 66 -23.52 -1.26 3.19
N SER B 67 -22.51 -2.05 3.60
CA SER B 67 -21.80 -1.81 4.86
C SER B 67 -21.13 -0.43 4.91
N LEU B 68 -20.50 -0.02 3.81
CA LEU B 68 -19.81 1.28 3.76
C LEU B 68 -20.78 2.44 3.93
N GLY B 69 -22.07 2.20 3.68
CA GLY B 69 -23.09 3.20 3.84
C GLY B 69 -23.32 3.66 5.27
N ASP B 70 -22.83 2.89 6.23
CA ASP B 70 -22.79 3.34 7.62
C ASP B 70 -21.75 4.45 7.89
N TYR B 71 -20.86 4.72 6.93
CA TYR B 71 -19.83 5.76 7.07
C TYR B 71 -19.78 6.62 5.80
N PRO B 72 -20.88 7.34 5.50
CA PRO B 72 -21.02 8.13 4.28
C PRO B 72 -20.13 9.37 4.30
N HIS B 73 -19.71 9.77 5.50
CA HIS B 73 -18.71 10.81 5.72
C HIS B 73 -17.26 10.38 5.37
N VAL B 74 -17.04 9.08 5.16
CA VAL B 74 -15.73 8.55 4.77
C VAL B 74 -15.78 8.04 3.34
N PHE B 75 -16.81 7.25 3.03
CA PHE B 75 -17.02 6.66 1.71
C PHE B 75 -18.20 7.35 1.05
N ASP B 76 -17.92 8.24 0.10
CA ASP B 76 -18.98 9.06 -0.49
C ASP B 76 -19.84 8.24 -1.47
N GLU B 77 -20.86 8.89 -2.02
CA GLU B 77 -21.79 8.22 -2.91
C GLU B 77 -21.09 7.58 -4.11
N LEU B 78 -20.11 8.29 -4.68
CA LEU B 78 -19.36 7.73 -5.81
C LEU B 78 -18.60 6.48 -5.40
N PHE B 79 -17.91 6.56 -4.26
CA PHE B 79 -17.10 5.44 -3.79
C PHE B 79 -18.01 4.22 -3.64
N ARG B 80 -19.14 4.40 -2.95
CA ARG B 80 -20.02 3.29 -2.63
C ARG B 80 -20.72 2.77 -3.86
N SER B 81 -21.02 3.68 -4.79
CA SER B 81 -21.61 3.30 -6.07
C SER B 81 -20.67 2.43 -6.89
N MSE B 82 -19.39 2.79 -6.91
CA MSE B 82 -18.38 2.04 -7.64
C MSE B 82 -18.25 0.61 -7.05
O MSE B 82 -18.27 -0.38 -7.78
CB MSE B 82 -17.01 2.77 -7.62
CG MSE B 82 -16.91 4.08 -8.49
SE MSE B 82 -17.52 3.80 -10.29
CE MSE B 82 -16.42 2.27 -10.79
N VAL B 83 -18.16 0.50 -5.73
CA VAL B 83 -18.10 -0.79 -5.04
C VAL B 83 -19.32 -1.65 -5.39
N ALA B 84 -20.51 -1.06 -5.27
CA ALA B 84 -21.75 -1.74 -5.67
C ALA B 84 -21.68 -2.30 -7.08
N ALA B 85 -21.22 -1.48 -8.05
CA ALA B 85 -21.10 -1.96 -9.44
C ALA B 85 -20.16 -3.15 -9.53
N GLY B 86 -19.01 -3.08 -8.84
CA GLY B 86 -18.07 -4.19 -8.81
C GLY B 86 -18.63 -5.47 -8.18
N GLU B 87 -19.30 -5.35 -7.04
CA GLU B 87 -19.87 -6.51 -6.38
C GLU B 87 -20.94 -7.13 -7.27
N LYS B 88 -21.82 -6.32 -7.82
CA LYS B 88 -22.89 -6.83 -8.68
C LYS B 88 -22.35 -7.60 -9.90
N SER B 89 -21.29 -7.07 -10.51
CA SER B 89 -20.73 -7.60 -11.76
C SER B 89 -19.69 -8.71 -11.57
N GLY B 90 -19.24 -8.92 -10.34
CA GLY B 90 -18.17 -9.88 -10.07
C GLY B 90 -16.81 -9.33 -10.43
N HIS B 91 -16.67 -8.00 -10.35
CA HIS B 91 -15.40 -7.33 -10.65
C HIS B 91 -14.98 -6.36 -9.54
N LEU B 92 -15.21 -6.74 -8.29
CA LEU B 92 -14.82 -5.87 -7.17
C LEU B 92 -13.32 -5.60 -7.21
N ASP B 93 -12.56 -6.61 -7.61
CA ASP B 93 -11.11 -6.50 -7.64
C ASP B 93 -10.62 -5.32 -8.48
N SER B 94 -11.10 -5.20 -9.70
CA SER B 94 -10.65 -4.12 -10.60
C SER B 94 -11.25 -2.76 -10.22
N VAL B 95 -12.48 -2.75 -9.73
CA VAL B 95 -13.10 -1.52 -9.24
C VAL B 95 -12.33 -0.98 -8.03
N LEU B 96 -11.93 -1.87 -7.11
CA LEU B 96 -11.11 -1.44 -5.98
C LEU B 96 -9.78 -0.86 -6.46
N GLU B 97 -9.16 -1.50 -7.44
CA GLU B 97 -7.91 -0.98 -8.00
C GLU B 97 -8.12 0.46 -8.50
N ARG B 98 -9.19 0.67 -9.25
CA ARG B 98 -9.48 2.03 -9.76
C ARG B 98 -9.76 3.02 -8.64
N LEU B 99 -10.44 2.58 -7.58
CA LEU B 99 -10.70 3.44 -6.43
C LEU B 99 -9.38 3.78 -5.71
N ALA B 100 -8.49 2.81 -5.62
CA ALA B 100 -7.17 3.01 -5.03
C ALA B 100 -6.34 4.03 -5.84
N ASP B 101 -6.31 3.84 -7.15
CA ASP B 101 -5.61 4.76 -8.05
C ASP B 101 -6.15 6.15 -7.91
N TYR B 102 -7.48 6.25 -7.87
CA TYR B 102 -8.19 7.54 -7.77
C TYR B 102 -7.84 8.23 -6.44
N ALA B 103 -7.93 7.46 -5.36
CA ALA B 103 -7.64 7.98 -4.04
C ALA B 103 -6.17 8.38 -3.88
N GLU B 104 -5.26 7.58 -4.46
CA GLU B 104 -3.81 7.87 -4.44
CA GLU B 104 -3.84 7.92 -4.37
C GLU B 104 -3.51 9.17 -5.17
N ASN B 105 -4.08 9.29 -6.36
CA ASN B 105 -3.93 10.47 -7.20
C ASN B 105 -4.41 11.71 -6.46
N ARG B 106 -5.58 11.60 -5.83
CA ARG B 106 -6.16 12.71 -5.10
C ARG B 106 -5.22 13.14 -3.96
N GLN B 107 -4.72 12.18 -3.21
CA GLN B 107 -3.77 12.45 -2.14
C GLN B 107 -2.52 13.15 -2.65
N LYS B 108 -1.96 12.65 -3.75
CA LYS B 108 -0.74 13.21 -4.29
C LYS B 108 -0.93 14.65 -4.75
N MSE B 109 -2.00 14.89 -5.52
CA MSE B 109 -2.23 16.20 -6.08
CA MSE B 109 -2.19 16.22 -6.09
C MSE B 109 -2.62 17.21 -5.00
O MSE B 109 -2.22 18.37 -5.06
CB MSE B 109 -3.29 16.10 -7.19
CB MSE B 109 -3.08 16.21 -7.37
CG MSE B 109 -2.87 15.19 -8.36
CG MSE B 109 -4.55 15.86 -7.26
SE MSE B 109 -1.33 15.83 -9.41
SE MSE B 109 -5.51 15.94 -9.02
CE MSE B 109 -2.09 17.53 -9.95
CE MSE B 109 -7.09 14.93 -8.47
N ARG B 110 -3.39 16.75 -4.00
CA ARG B 110 -3.82 17.64 -2.91
C ARG B 110 -2.68 17.91 -1.94
N SER B 111 -1.86 16.90 -1.65
CA SER B 111 -0.74 17.09 -0.75
CA SER B 111 -0.72 17.09 -0.75
C SER B 111 0.25 18.09 -1.35
N LYS B 112 0.47 18.00 -2.67
CA LYS B 112 1.39 18.91 -3.33
C LYS B 112 0.85 20.34 -3.30
N LEU B 113 -0.46 20.53 -3.52
CA LEU B 113 -1.05 21.87 -3.37
C LEU B 113 -0.88 22.39 -1.97
N GLN B 114 -1.11 21.54 -0.99
CA GLN B 114 -0.96 21.93 0.40
C GLN B 114 0.47 22.41 0.67
N GLN B 115 1.46 21.63 0.22
CA GLN B 115 2.87 21.96 0.47
C GLN B 115 3.30 23.21 -0.27
N ALA B 116 2.86 23.32 -1.52
CA ALA B 116 3.18 24.50 -2.33
C ALA B 116 2.56 25.75 -1.71
N SER B 117 1.33 25.61 -1.19
CA SER B 117 0.66 26.73 -0.52
C SER B 117 1.39 27.15 0.74
N GLU B 118 1.73 26.19 1.57
CA GLU B 118 2.57 26.44 2.73
C GLU B 118 3.88 27.14 2.37
N ASN B 119 4.56 26.62 1.35
CA ASN B 119 5.88 27.12 1.02
C ASN B 119 5.82 28.57 0.53
N LEU B 120 4.88 28.89 -0.36
CA LEU B 120 4.79 30.24 -0.93
C LEU B 120 4.16 31.22 0.03
N TYR B 121 3.12 30.78 0.73
CA TYR B 121 2.41 31.71 1.63
C TYR B 121 3.25 32.19 2.81
N PHE B 122 4.09 31.31 3.35
CA PHE B 122 4.82 31.62 4.58
C PHE B 122 6.26 32.08 4.31
N GLN B 123 6.67 32.11 3.05
CA GLN B 123 8.04 32.49 2.72
C GLN B 123 8.27 33.97 2.94
CA CA C . 2.08 2.25 10.14
CL CL D . 17.30 -1.76 -12.56
NA NA E . 23.85 -3.83 8.13
O2 PE5 F . 24.72 -1.74 6.33
C3 PE5 F . 24.74 -0.36 6.83
C4 PE5 F . 23.52 -0.12 7.74
O3 PE5 F . 23.56 -1.05 8.85
C5 PE5 F . 22.48 -0.85 9.78
C6 PE5 F . 22.67 -1.84 10.90
O4 PE5 F . 22.58 -3.18 10.39
C7 PE5 F . 22.97 -4.11 11.37
C8 PE5 F . 22.44 -5.40 10.85
O5 PE5 F . 23.05 -5.70 9.59
C9 PE5 F . 22.30 -6.81 9.05
C10 PE5 F . 22.94 -7.33 7.77
O6 PE5 F . 22.81 -6.35 6.73
C11 PE5 F . 22.28 -6.94 5.54
C12 PE5 F . 22.32 -5.93 4.41
O7 PE5 F . 23.69 -5.61 4.16
CA CA G . -3.15 0.94 -10.60
#